data_2APR
#
_entry.id   2APR
#
_cell.length_a   60.310
_cell.length_b   60.600
_cell.length_c   106.970
_cell.angle_alpha   90.00
_cell.angle_beta   90.00
_cell.angle_gamma   90.00
#
_symmetry.space_group_name_H-M   'P 21 21 21'
#
loop_
_entity.id
_entity.type
_entity.pdbx_description
1 polymer RHIZOPUSPEPSIN
2 non-polymer 'CALCIUM ION'
3 water water
#
_entity_poly.entity_id   1
_entity_poly.type   'polypeptide(L)'
_entity_poly.pdbx_seq_one_letter_code
;AGVGTVPMTDYGNDIEYYGQVTIGTPGKKFNLDFDTGSSDLWIASTLCTNCGSGQTKYDPNQSSTYQADGRTWSISYGDG
SSASGILAKDNVNLGGLLIKGQTIELAKREAASFASGPNDGLLGLGFDTITTVRGVKTPMDNLISQGLISRPIFGVYLGK
AKNGGGGEYIFGGYDSTKFKGSLTTVPIDNSRGWWGITVDRATVGTSTVASSFDGILDTGTTLLILPNNIAASVARAYGA
SDNGDGTYTISCDTSAFKPLVFSINGASFQVSPDSLVFEEFQGQCIAGFGYGNWGFAIIGDTFLKNNYVVFNQGVPEVQI
APVAE
;
_entity_poly.pdbx_strand_id   A
#
# COMPACT_ATOMS: atom_id res chain seq x y z
N ALA A 1 18.28 10.36 -6.94
CA ALA A 1 17.00 10.93 -6.45
C ALA A 1 17.32 11.75 -5.20
N GLY A 2 16.42 12.64 -4.85
CA GLY A 2 16.59 13.51 -3.68
C GLY A 2 16.65 12.65 -2.40
N VAL A 3 16.95 13.34 -1.30
CA VAL A 3 17.05 12.66 -0.01
C VAL A 3 15.67 12.10 0.40
N GLY A 4 15.66 10.84 0.81
CA GLY A 4 14.41 10.21 1.23
C GLY A 4 13.47 9.87 0.06
N THR A 5 13.93 9.98 -1.17
CA THR A 5 13.10 9.70 -2.35
C THR A 5 13.29 8.27 -2.82
N VAL A 6 12.18 7.55 -2.97
CA VAL A 6 12.29 6.17 -3.42
C VAL A 6 11.43 5.94 -4.67
N PRO A 7 12.03 5.76 -5.81
CA PRO A 7 11.32 5.49 -7.07
C PRO A 7 10.67 4.11 -6.91
N MET A 8 9.45 3.95 -7.38
CA MET A 8 8.76 2.66 -7.25
C MET A 8 8.60 2.02 -8.63
N THR A 9 8.39 0.73 -8.62
CA THR A 9 8.13 -0.07 -9.81
C THR A 9 6.67 -0.53 -9.70
N ASP A 10 5.94 -0.36 -10.78
CA ASP A 10 4.53 -0.76 -10.88
C ASP A 10 4.56 -2.19 -11.42
N TYR A 11 4.07 -3.15 -10.68
CA TYR A 11 4.08 -4.55 -11.17
C TYR A 11 2.80 -4.87 -11.94
N GLY A 12 2.93 -5.36 -13.17
CA GLY A 12 1.74 -5.71 -13.97
C GLY A 12 0.80 -4.54 -14.18
N ASN A 13 -0.49 -4.81 -14.20
CA ASN A 13 -1.53 -3.80 -14.40
C ASN A 13 -1.93 -3.13 -13.08
N ASP A 14 -0.97 -2.45 -12.46
CA ASP A 14 -1.20 -1.75 -11.19
C ASP A 14 -1.57 -2.73 -10.08
N ILE A 15 -0.85 -3.84 -10.05
CA ILE A 15 -1.16 -4.84 -9.02
C ILE A 15 -0.60 -4.43 -7.66
N GLU A 16 0.65 -4.02 -7.69
CA GLU A 16 1.37 -3.60 -6.48
C GLU A 16 2.59 -2.79 -6.97
N TYR A 17 3.17 -2.09 -6.01
CA TYR A 17 4.30 -1.19 -6.24
C TYR A 17 5.41 -1.45 -5.24
N TYR A 18 6.60 -1.69 -5.76
CA TYR A 18 7.72 -1.96 -4.82
C TYR A 18 8.87 -1.00 -5.10
N GLY A 19 9.70 -0.83 -4.07
CA GLY A 19 10.88 0.03 -4.15
C GLY A 19 12.08 -0.72 -3.56
N GLN A 20 13.26 -0.24 -3.91
CA GLN A 20 14.52 -0.82 -3.43
C GLN A 20 14.90 -0.20 -2.08
N VAL A 21 15.34 -1.10 -1.22
CA VAL A 21 15.77 -0.73 0.14
C VAL A 21 17.10 -1.47 0.37
N THR A 22 18.08 -0.85 0.94
CA THR A 22 19.37 -1.51 1.21
C THR A 22 19.42 -1.92 2.67
N ILE A 23 19.70 -3.17 2.91
CA ILE A 23 19.78 -3.68 4.29
C ILE A 23 21.15 -4.32 4.57
N GLY A 24 21.70 -3.99 5.74
CA GLY A 24 23.00 -4.59 6.09
C GLY A 24 24.21 -3.74 5.75
N THR A 25 25.35 -4.32 6.13
CA THR A 25 26.66 -3.70 5.93
C THR A 25 27.59 -4.77 5.33
N PRO A 26 28.11 -4.56 4.14
CA PRO A 26 27.95 -3.39 3.27
C PRO A 26 26.55 -3.25 2.72
N GLY A 27 25.73 -4.29 2.75
CA GLY A 27 24.35 -4.11 2.26
C GLY A 27 24.02 -4.66 0.90
N LYS A 28 22.82 -5.15 0.81
CA LYS A 28 22.19 -5.75 -0.36
C LYS A 28 20.89 -4.97 -0.64
N LYS A 29 20.51 -4.92 -1.90
CA LYS A 29 19.29 -4.25 -2.33
C LYS A 29 18.15 -5.25 -2.37
N PHE A 30 17.04 -4.84 -1.79
CA PHE A 30 15.83 -5.68 -1.74
C PHE A 30 14.66 -4.89 -2.32
N ASN A 31 13.78 -5.60 -3.00
CA ASN A 31 12.60 -4.96 -3.56
C ASN A 31 11.51 -5.20 -2.52
N LEU A 32 11.00 -4.15 -1.90
CA LEU A 32 9.96 -4.39 -0.90
C LEU A 32 8.66 -3.71 -1.35
N ASP A 33 7.57 -4.38 -1.03
CA ASP A 33 6.21 -3.86 -1.27
C ASP A 33 5.99 -2.80 -0.17
N PHE A 34 5.64 -1.57 -0.44
CA PHE A 34 5.41 -0.50 0.56
C PHE A 34 3.93 -0.59 0.91
N ASP A 35 3.67 -1.07 2.12
CA ASP A 35 2.29 -1.33 2.56
C ASP A 35 1.73 -0.54 3.72
N THR A 36 0.81 0.38 3.43
CA THR A 36 0.23 1.14 4.55
C THR A 36 -0.82 0.34 5.34
N GLY A 37 -1.12 -0.87 4.91
CA GLY A 37 -2.11 -1.69 5.61
C GLY A 37 -1.44 -2.62 6.63
N SER A 38 -0.13 -2.59 6.81
CA SER A 38 0.54 -3.50 7.79
C SER A 38 1.74 -2.77 8.39
N SER A 39 2.32 -3.34 9.44
CA SER A 39 3.42 -2.63 10.11
C SER A 39 4.66 -3.44 10.45
N ASP A 40 4.89 -4.52 9.74
CA ASP A 40 6.08 -5.37 9.97
C ASP A 40 7.01 -5.25 8.75
N LEU A 41 8.30 -5.21 9.00
CA LEU A 41 9.28 -5.16 7.90
C LEU A 41 9.83 -6.58 7.84
N TRP A 42 9.43 -7.38 6.86
CA TRP A 42 9.97 -8.77 6.81
C TRP A 42 10.57 -8.97 5.41
N ILE A 43 11.58 -9.82 5.36
CA ILE A 43 12.30 -10.15 4.12
C ILE A 43 12.66 -11.64 4.07
N ALA A 44 12.72 -12.10 2.83
CA ALA A 44 13.13 -13.48 2.51
C ALA A 44 14.56 -13.59 3.04
N SER A 45 14.96 -14.76 3.56
CA SER A 45 16.32 -14.86 4.13
C SER A 45 16.92 -16.21 3.77
N THR A 46 18.20 -16.39 4.04
CA THR A 46 18.81 -17.71 3.72
C THR A 46 18.39 -18.76 4.73
N LEU A 47 17.54 -18.42 5.68
CA LEU A 47 17.04 -19.41 6.66
C LEU A 47 15.75 -20.00 6.10
N CYS A 48 15.25 -19.41 5.05
CA CYS A 48 13.98 -19.82 4.44
C CYS A 48 14.05 -21.13 3.65
N THR A 49 13.09 -21.99 3.94
CA THR A 49 13.07 -23.31 3.26
C THR A 49 12.01 -23.45 2.20
N ASN A 50 11.22 -22.44 1.91
CA ASN A 50 10.19 -22.57 0.85
C ASN A 50 10.04 -21.22 0.11
N CYS A 51 11.11 -20.46 0.10
CA CYS A 51 11.15 -19.14 -0.55
C CYS A 51 11.43 -19.31 -2.03
N GLY A 52 11.15 -18.29 -2.81
CA GLY A 52 11.32 -18.32 -4.28
C GLY A 52 12.77 -18.26 -4.69
N SER A 53 13.14 -19.02 -5.71
CA SER A 53 14.53 -19.00 -6.18
C SER A 53 14.88 -17.63 -6.76
N GLY A 54 13.84 -16.90 -7.15
CA GLY A 54 14.08 -15.56 -7.71
C GLY A 54 14.21 -14.47 -6.66
N GLN A 55 13.73 -14.65 -5.44
CA GLN A 55 13.83 -13.56 -4.46
C GLN A 55 15.24 -13.32 -3.99
N THR A 56 15.56 -12.08 -3.65
CA THR A 56 16.89 -11.78 -3.11
C THR A 56 16.75 -12.13 -1.61
N LYS A 57 17.68 -12.87 -1.06
CA LYS A 57 17.59 -13.28 0.34
C LYS A 57 18.63 -12.64 1.24
N TYR A 58 18.11 -12.13 2.35
CA TYR A 58 19.04 -11.53 3.31
C TYR A 58 19.86 -12.66 3.93
N ASP A 59 21.14 -12.43 4.04
CA ASP A 59 22.08 -13.41 4.62
C ASP A 59 22.74 -12.79 5.84
N PRO A 60 22.38 -13.20 7.05
CA PRO A 60 22.99 -12.66 8.26
C PRO A 60 24.50 -12.67 8.21
N ASN A 61 25.04 -13.76 7.66
CA ASN A 61 26.51 -13.94 7.61
C ASN A 61 27.22 -12.87 6.78
N GLN A 62 26.52 -12.27 5.85
CA GLN A 62 27.19 -11.25 5.03
C GLN A 62 26.98 -9.82 5.51
N SER A 63 26.42 -9.65 6.69
CA SER A 63 26.22 -8.29 7.21
C SER A 63 27.02 -8.16 8.49
N SER A 64 27.98 -7.24 8.50
CA SER A 64 28.74 -7.12 9.77
C SER A 64 27.91 -6.38 10.82
N THR A 65 26.72 -5.88 10.51
CA THR A 65 25.91 -5.18 11.51
C THR A 65 24.71 -6.02 11.94
N TYR A 66 24.70 -7.29 11.56
CA TYR A 66 23.59 -8.16 11.96
C TYR A 66 23.71 -8.42 13.47
N GLN A 67 22.59 -8.39 14.16
CA GLN A 67 22.53 -8.69 15.60
C GLN A 67 21.38 -9.68 15.78
N ALA A 68 21.68 -10.84 16.32
CA ALA A 68 20.67 -11.88 16.58
C ALA A 68 19.68 -11.42 17.64
N ASP A 69 18.50 -11.98 17.63
CA ASP A 69 17.37 -11.72 18.55
C ASP A 69 16.71 -13.06 18.84
N GLY A 70 16.29 -13.31 20.07
CA GLY A 70 15.67 -14.58 20.39
C GLY A 70 14.20 -14.66 20.08
N ARG A 71 13.54 -13.65 19.54
CA ARG A 71 12.09 -13.72 19.30
C ARG A 71 11.71 -14.24 17.93
N THR A 72 10.51 -14.80 17.87
CA THR A 72 9.99 -15.31 16.59
C THR A 72 8.79 -14.46 16.19
N TRP A 73 8.36 -14.59 14.95
CA TRP A 73 7.21 -13.82 14.47
C TRP A 73 6.45 -14.72 13.49
N SER A 74 5.21 -14.37 13.32
CA SER A 74 4.31 -15.05 12.40
C SER A 74 3.25 -14.02 12.00
N ILE A 75 2.92 -13.97 10.74
CA ILE A 75 1.92 -13.01 10.26
C ILE A 75 1.00 -13.77 9.29
N SER A 76 -0.23 -13.28 9.32
CA SER A 76 -1.28 -13.84 8.46
C SER A 76 -2.08 -12.62 7.98
N TYR A 77 -1.97 -12.40 6.68
CA TYR A 77 -2.62 -11.28 6.02
C TYR A 77 -4.05 -11.70 5.68
N GLY A 78 -4.84 -10.65 5.52
CA GLY A 78 -6.26 -10.80 5.20
C GLY A 78 -6.50 -11.70 3.98
N ASP A 79 -5.66 -11.58 2.96
CA ASP A 79 -5.80 -12.35 1.72
C ASP A 79 -5.42 -13.82 1.83
N GLY A 80 -5.13 -14.30 3.03
CA GLY A 80 -4.74 -15.73 3.18
C GLY A 80 -3.25 -15.99 3.06
N SER A 81 -2.47 -14.97 2.70
CA SER A 81 -1.00 -15.20 2.60
C SER A 81 -0.46 -15.12 4.03
N SER A 82 0.74 -15.63 4.24
CA SER A 82 1.37 -15.65 5.57
C SER A 82 2.89 -15.82 5.44
N ALA A 83 3.58 -15.70 6.54
CA ALA A 83 5.05 -15.83 6.61
C ALA A 83 5.40 -15.96 8.09
N SER A 84 6.57 -16.50 8.36
CA SER A 84 6.97 -16.63 9.78
C SER A 84 8.49 -16.71 9.82
N GLY A 85 9.06 -16.49 10.99
CA GLY A 85 10.53 -16.57 11.06
C GLY A 85 11.05 -16.03 12.38
N ILE A 86 12.23 -15.45 12.33
CA ILE A 86 12.83 -14.89 13.54
C ILE A 86 13.10 -13.39 13.41
N LEU A 87 13.25 -12.72 14.53
CA LEU A 87 13.58 -11.29 14.52
C LEU A 87 15.10 -11.13 14.45
N ALA A 88 15.52 -9.94 14.08
CA ALA A 88 16.95 -9.61 14.00
C ALA A 88 17.05 -8.07 14.02
N LYS A 89 18.26 -7.59 14.04
CA LYS A 89 18.46 -6.13 14.03
C LYS A 89 19.54 -5.82 13.00
N ASP A 90 19.34 -4.77 12.23
CA ASP A 90 20.38 -4.38 11.23
C ASP A 90 20.04 -2.97 10.77
N ASN A 91 20.89 -2.42 9.93
CA ASN A 91 20.64 -1.05 9.41
C ASN A 91 19.88 -1.14 8.10
N VAL A 92 19.00 -0.18 7.89
CA VAL A 92 18.14 -0.10 6.70
C VAL A 92 18.30 1.30 6.08
N ASN A 93 18.60 1.29 4.82
CA ASN A 93 18.77 2.55 4.06
C ASN A 93 17.56 2.75 3.17
N LEU A 94 16.79 3.77 3.51
CA LEU A 94 15.57 4.10 2.76
C LEU A 94 15.79 5.43 2.04
N GLY A 95 16.00 5.36 0.73
CA GLY A 95 16.24 6.58 -0.05
C GLY A 95 17.40 7.42 0.46
N GLY A 96 18.46 6.83 0.99
CA GLY A 96 19.58 7.63 1.49
C GLY A 96 19.48 7.88 2.98
N LEU A 97 18.36 7.56 3.61
CA LEU A 97 18.24 7.76 5.07
C LEU A 97 18.69 6.45 5.75
N LEU A 98 19.75 6.51 6.55
CA LEU A 98 20.18 5.26 7.16
C LEU A 98 19.55 5.06 8.53
N ILE A 99 18.60 4.14 8.62
CA ILE A 99 17.99 3.85 9.93
C ILE A 99 18.93 2.90 10.66
N LYS A 100 19.42 3.28 11.82
CA LYS A 100 20.31 2.33 12.49
C LYS A 100 19.57 1.42 13.45
N GLY A 101 19.91 0.15 13.43
CA GLY A 101 19.30 -0.79 14.38
C GLY A 101 17.81 -1.01 14.29
N GLN A 102 17.34 -1.07 13.05
CA GLN A 102 15.92 -1.33 12.78
C GLN A 102 15.61 -2.81 13.09
N THR A 103 14.46 -3.12 13.68
CA THR A 103 14.11 -4.52 13.91
C THR A 103 13.63 -5.06 12.56
N ILE A 104 14.23 -6.12 12.05
CA ILE A 104 13.83 -6.69 10.77
C ILE A 104 13.34 -8.11 11.07
N GLU A 105 12.45 -8.64 10.26
CA GLU A 105 11.91 -10.00 10.50
C GLU A 105 12.33 -10.88 9.35
N LEU A 106 13.15 -11.88 9.64
CA LEU A 106 13.66 -12.79 8.61
C LEU A 106 12.72 -13.98 8.44
N ALA A 107 12.27 -14.17 7.22
CA ALA A 107 11.36 -15.28 6.94
C ALA A 107 12.11 -16.60 6.91
N LYS A 108 11.48 -17.60 7.54
CA LYS A 108 11.97 -18.99 7.55
C LYS A 108 11.00 -19.78 6.65
N ARG A 109 9.79 -19.30 6.56
CA ARG A 109 8.69 -19.85 5.77
C ARG A 109 7.81 -18.73 5.20
N GLU A 110 7.31 -18.92 3.99
CA GLU A 110 6.40 -17.91 3.41
C GLU A 110 5.40 -18.64 2.52
N ALA A 111 4.26 -18.04 2.30
CA ALA A 111 3.21 -18.66 1.45
C ALA A 111 3.72 -18.63 0.01
N ALA A 112 3.21 -19.60 -0.74
CA ALA A 112 3.59 -19.75 -2.16
C ALA A 112 3.36 -18.47 -2.96
N SER A 113 2.32 -17.73 -2.64
CA SER A 113 2.05 -16.48 -3.38
C SER A 113 3.18 -15.47 -3.22
N PHE A 114 3.89 -15.54 -2.11
CA PHE A 114 5.01 -14.63 -1.88
C PHE A 114 6.20 -15.18 -2.66
N ALA A 115 6.32 -16.50 -2.64
CA ALA A 115 7.47 -17.13 -3.34
C ALA A 115 7.48 -16.85 -4.84
N SER A 116 6.33 -16.66 -5.42
CA SER A 116 6.16 -16.40 -6.85
C SER A 116 5.92 -14.95 -7.24
N GLY A 117 5.88 -14.07 -6.25
CA GLY A 117 5.64 -12.63 -6.50
C GLY A 117 6.96 -11.98 -6.88
N PRO A 118 6.86 -10.69 -7.15
CA PRO A 118 8.01 -9.90 -7.54
C PRO A 118 8.83 -9.28 -6.42
N ASN A 119 8.35 -9.34 -5.19
CA ASN A 119 9.11 -8.66 -4.12
C ASN A 119 9.84 -9.63 -3.22
N ASP A 120 10.76 -9.11 -2.47
CA ASP A 120 11.60 -9.85 -1.52
C ASP A 120 11.03 -9.80 -0.10
N GLY A 121 9.99 -9.03 0.08
CA GLY A 121 9.37 -8.88 1.41
C GLY A 121 8.51 -7.65 1.44
N LEU A 122 8.14 -7.18 2.62
CA LEU A 122 7.26 -6.03 2.80
C LEU A 122 7.80 -5.03 3.80
N LEU A 123 7.48 -3.78 3.55
CA LEU A 123 7.85 -2.64 4.39
C LEU A 123 6.49 -2.14 4.91
N GLY A 124 6.20 -2.31 6.18
CA GLY A 124 4.93 -1.88 6.73
C GLY A 124 4.91 -0.40 7.11
N LEU A 125 3.91 0.31 6.64
CA LEU A 125 3.78 1.74 6.91
C LEU A 125 2.52 2.10 7.69
N GLY A 126 1.96 1.09 8.34
CA GLY A 126 0.75 1.33 9.18
C GLY A 126 1.28 1.83 10.54
N PHE A 127 0.42 1.92 11.52
CA PHE A 127 0.83 2.41 12.87
C PHE A 127 1.47 1.30 13.68
N ASP A 128 2.29 1.65 14.67
CA ASP A 128 2.99 0.62 15.47
C ASP A 128 2.09 -0.16 16.43
N THR A 129 0.83 0.19 16.52
CA THR A 129 -0.06 -0.58 17.42
C THR A 129 -0.40 -1.92 16.81
N ILE A 130 -0.07 -2.16 15.54
CA ILE A 130 -0.37 -3.45 14.92
C ILE A 130 0.86 -4.23 14.48
N THR A 131 2.03 -3.90 15.04
CA THR A 131 3.21 -4.69 14.70
C THR A 131 2.86 -6.09 15.27
N THR A 132 3.31 -7.17 14.68
CA THR A 132 2.94 -8.49 15.25
C THR A 132 3.73 -8.77 16.54
N VAL A 133 4.87 -8.16 16.76
CA VAL A 133 5.62 -8.41 18.00
C VAL A 133 5.53 -7.12 18.82
N ARG A 134 5.15 -7.21 20.07
CA ARG A 134 5.05 -6.00 20.90
C ARG A 134 6.41 -5.38 21.13
N GLY A 135 6.51 -4.08 21.10
CA GLY A 135 7.76 -3.37 21.34
C GLY A 135 8.57 -3.07 20.10
N VAL A 136 8.13 -3.52 18.94
CA VAL A 136 8.87 -3.26 17.70
C VAL A 136 8.60 -1.84 17.20
N LYS A 137 9.66 -1.09 17.00
CA LYS A 137 9.42 0.29 16.48
C LYS A 137 9.46 0.17 14.95
N THR A 138 8.50 0.78 14.27
CA THR A 138 8.47 0.69 12.81
C THR A 138 9.50 1.61 12.17
N PRO A 139 9.77 1.47 10.86
CA PRO A 139 10.71 2.36 10.17
C PRO A 139 10.30 3.82 10.35
N MET A 140 9.03 4.20 10.27
CA MET A 140 8.59 5.60 10.42
C MET A 140 8.92 6.05 11.85
N ASP A 141 8.64 5.21 12.83
CA ASP A 141 8.96 5.59 14.23
C ASP A 141 10.46 5.92 14.33
N ASN A 142 11.30 5.10 13.73
CA ASN A 142 12.76 5.30 13.79
C ASN A 142 13.22 6.49 12.95
N LEU A 143 12.59 6.74 11.80
CA LEU A 143 13.02 7.93 11.01
C LEU A 143 12.79 9.18 11.87
N ILE A 144 11.67 9.17 12.58
CA ILE A 144 11.34 10.32 13.43
C ILE A 144 12.31 10.39 14.62
N SER A 145 12.43 9.32 15.38
CA SER A 145 13.27 9.38 16.59
C SER A 145 14.73 9.57 16.27
N GLN A 146 15.25 9.16 15.13
CA GLN A 146 16.67 9.34 14.82
C GLN A 146 16.93 10.67 14.11
N GLY A 147 15.88 11.44 13.95
CA GLY A 147 15.98 12.76 13.31
C GLY A 147 16.19 12.71 11.81
N LEU A 148 15.92 11.60 11.16
CA LEU A 148 16.10 11.46 9.70
C LEU A 148 15.07 12.22 8.87
N ILE A 149 13.94 12.57 9.41
CA ILE A 149 12.90 13.33 8.71
C ILE A 149 12.59 14.48 9.69
N SER A 150 12.27 15.64 9.18
CA SER A 150 11.97 16.74 10.14
C SER A 150 10.47 16.92 10.27
N ARG A 151 9.68 16.33 9.42
CA ARG A 151 8.19 16.39 9.47
C ARG A 151 7.83 14.89 9.37
N PRO A 152 6.94 14.44 10.21
CA PRO A 152 6.54 13.04 10.26
C PRO A 152 5.59 12.62 9.15
N ILE A 153 6.04 12.88 7.91
CA ILE A 153 5.23 12.58 6.73
C ILE A 153 5.93 11.83 5.63
N PHE A 154 5.12 11.29 4.72
CA PHE A 154 5.63 10.61 3.51
C PHE A 154 4.61 10.92 2.40
N GLY A 155 5.10 11.36 1.25
CA GLY A 155 4.22 11.70 0.09
C GLY A 155 4.26 10.48 -0.83
N VAL A 156 3.08 10.10 -1.32
CA VAL A 156 2.94 8.93 -2.18
C VAL A 156 2.28 9.20 -3.54
N TYR A 157 3.02 8.86 -4.56
CA TYR A 157 2.55 8.94 -5.96
C TYR A 157 2.63 7.51 -6.51
N LEU A 158 1.52 6.99 -6.99
CA LEU A 158 1.44 5.65 -7.58
C LEU A 158 1.08 5.88 -9.06
N GLY A 159 1.90 5.36 -9.96
CA GLY A 159 1.59 5.59 -11.38
C GLY A 159 0.61 4.57 -11.92
N LYS A 160 0.20 4.82 -13.15
CA LYS A 160 -0.71 3.94 -13.89
C LYS A 160 0.11 3.25 -15.01
N ALA A 161 -0.04 1.95 -15.08
CA ALA A 161 0.67 1.18 -16.12
C ALA A 161 0.29 1.76 -17.49
N LYS A 162 -0.97 2.19 -17.62
CA LYS A 162 -1.38 2.76 -18.93
C LYS A 162 -0.54 3.97 -19.31
N ASN A 163 -0.05 4.70 -18.33
CA ASN A 163 0.78 5.87 -18.60
C ASN A 163 2.25 5.58 -18.37
N GLY A 164 2.68 4.34 -18.37
CA GLY A 164 4.13 4.14 -18.13
C GLY A 164 4.55 3.60 -16.78
N GLY A 165 3.61 3.47 -15.85
CA GLY A 165 3.91 2.93 -14.53
C GLY A 165 4.66 3.90 -13.61
N GLY A 166 5.55 3.30 -12.85
CA GLY A 166 6.34 4.08 -11.89
C GLY A 166 5.49 4.39 -10.64
N GLY A 167 6.07 5.33 -9.93
CA GLY A 167 5.52 5.83 -8.66
C GLY A 167 6.73 6.35 -7.87
N GLU A 168 6.37 7.03 -6.78
CA GLU A 168 7.44 7.58 -5.96
C GLU A 168 6.99 7.88 -4.54
N TYR A 169 7.79 7.45 -3.59
CA TYR A 169 7.51 7.74 -2.20
C TYR A 169 8.62 8.75 -1.76
N ILE A 170 8.22 9.72 -1.00
CA ILE A 170 9.18 10.70 -0.45
C ILE A 170 9.02 10.73 1.09
N PHE A 171 10.08 10.30 1.77
CA PHE A 171 10.03 10.30 3.24
C PHE A 171 10.45 11.67 3.78
N GLY A 172 9.57 12.36 4.45
CA GLY A 172 9.90 13.65 5.03
C GLY A 172 9.49 14.80 4.13
N GLY A 173 8.80 14.52 3.02
CA GLY A 173 8.39 15.64 2.14
C GLY A 173 7.38 15.12 1.11
N TYR A 174 7.06 16.02 0.18
CA TYR A 174 6.12 15.68 -0.91
C TYR A 174 6.51 16.50 -2.16
N ASP A 175 5.91 16.08 -3.27
CA ASP A 175 6.24 16.72 -4.58
C ASP A 175 4.99 17.25 -5.25
N SER A 176 4.86 18.55 -5.35
CA SER A 176 3.68 19.17 -5.97
C SER A 176 3.63 19.04 -7.49
N THR A 177 4.66 18.49 -8.12
CA THR A 177 4.55 18.30 -9.59
C THR A 177 3.61 17.11 -9.82
N LYS A 178 3.43 16.25 -8.81
CA LYS A 178 2.58 15.07 -8.98
C LYS A 178 1.09 15.29 -8.76
N PHE A 179 0.66 16.49 -8.36
CA PHE A 179 -0.81 16.65 -8.14
C PHE A 179 -1.26 18.00 -8.62
N LYS A 180 -2.57 18.13 -8.75
CA LYS A 180 -3.11 19.42 -9.21
C LYS A 180 -3.98 20.07 -8.15
N GLY A 181 -3.90 21.40 -8.16
CA GLY A 181 -4.69 22.20 -7.22
C GLY A 181 -4.12 22.16 -5.83
N SER A 182 -4.99 22.41 -4.87
CA SER A 182 -4.64 22.44 -3.45
C SER A 182 -4.87 21.09 -2.76
N LEU A 183 -4.05 20.80 -1.77
CA LEU A 183 -4.24 19.57 -1.00
C LEU A 183 -5.40 19.79 -0.04
N THR A 184 -6.16 18.77 0.27
CA THR A 184 -7.28 18.81 1.21
C THR A 184 -6.85 18.01 2.46
N THR A 185 -6.94 18.60 3.65
CA THR A 185 -6.56 17.88 4.85
C THR A 185 -7.72 17.02 5.34
N VAL A 186 -7.43 15.78 5.70
CA VAL A 186 -8.45 14.85 6.16
C VAL A 186 -7.92 14.19 7.44
N PRO A 187 -8.70 14.27 8.49
CA PRO A 187 -8.32 13.68 9.78
C PRO A 187 -8.30 12.16 9.64
N ILE A 188 -7.39 11.52 10.36
CA ILE A 188 -7.21 10.08 10.36
C ILE A 188 -7.62 9.47 11.72
N ASP A 189 -8.26 8.33 11.63
CA ASP A 189 -8.65 7.53 12.80
C ASP A 189 -7.63 6.38 12.84
N ASN A 190 -6.68 6.39 13.74
CA ASN A 190 -5.69 5.29 13.76
C ASN A 190 -6.02 4.29 14.89
N SER A 191 -7.25 4.33 15.35
CA SER A 191 -7.62 3.42 16.46
C SER A 191 -7.43 1.95 16.13
N ARG A 192 -7.47 1.50 14.89
CA ARG A 192 -7.26 0.07 14.59
C ARG A 192 -5.87 -0.17 14.01
N GLY A 193 -5.06 0.88 14.06
CA GLY A 193 -3.69 0.74 13.57
C GLY A 193 -3.55 1.02 12.08
N TRP A 194 -4.63 1.42 11.44
CA TRP A 194 -4.63 1.74 10.01
C TRP A 194 -4.87 3.21 9.73
N TRP A 195 -4.71 3.61 8.46
CA TRP A 195 -4.99 5.03 8.08
C TRP A 195 -6.48 5.12 7.75
N GLY A 196 -7.32 5.22 8.75
CA GLY A 196 -8.78 5.25 8.54
C GLY A 196 -9.33 6.63 8.28
N ILE A 197 -10.24 6.74 7.33
CA ILE A 197 -10.88 8.01 6.97
C ILE A 197 -12.38 7.73 6.82
N THR A 198 -13.10 8.82 6.75
CA THR A 198 -14.54 8.81 6.50
C THR A 198 -14.78 9.44 5.12
N VAL A 199 -15.53 8.74 4.32
CA VAL A 199 -15.90 9.21 2.97
C VAL A 199 -17.33 9.77 3.18
N ASP A 200 -17.61 10.99 2.82
CA ASP A 200 -18.94 11.56 3.04
C ASP A 200 -20.02 10.94 2.15
N ARG A 201 -19.67 10.63 0.92
CA ARG A 201 -20.65 10.01 -0.01
C ARG A 201 -19.92 9.67 -1.30
N ALA A 202 -20.57 8.84 -2.09
CA ALA A 202 -20.07 8.39 -3.39
C ALA A 202 -21.22 8.52 -4.39
N THR A 203 -20.89 9.12 -5.53
CA THR A 203 -21.82 9.36 -6.61
C THR A 203 -21.26 8.89 -7.96
N VAL A 204 -22.18 8.52 -8.83
CA VAL A 204 -21.88 8.11 -10.21
C VAL A 204 -22.88 8.99 -10.98
N GLY A 205 -22.36 9.97 -11.68
CA GLY A 205 -23.31 10.88 -12.38
C GLY A 205 -24.12 11.60 -11.30
N THR A 206 -25.43 11.61 -11.48
CA THR A 206 -26.35 12.26 -10.53
C THR A 206 -26.81 11.34 -9.40
N SER A 207 -26.48 10.08 -9.48
CA SER A 207 -26.91 9.11 -8.45
C SER A 207 -26.01 8.98 -7.23
N THR A 208 -26.59 9.02 -6.05
CA THR A 208 -25.80 8.86 -4.81
C THR A 208 -25.75 7.35 -4.58
N VAL A 209 -24.65 6.69 -4.88
CA VAL A 209 -24.58 5.23 -4.69
C VAL A 209 -24.27 4.84 -3.26
N ALA A 210 -23.74 5.79 -2.48
CA ALA A 210 -23.44 5.45 -1.08
C ALA A 210 -23.42 6.71 -0.24
N SER A 211 -23.82 6.50 1.01
CA SER A 211 -23.81 7.60 1.99
C SER A 211 -22.43 7.47 2.70
N SER A 212 -22.21 8.18 3.78
CA SER A 212 -20.89 8.10 4.44
C SER A 212 -20.59 6.70 4.92
N PHE A 213 -19.34 6.36 4.79
CA PHE A 213 -18.76 5.07 5.17
C PHE A 213 -17.28 5.30 5.56
N ASP A 214 -16.78 4.39 6.36
CA ASP A 214 -15.37 4.48 6.76
C ASP A 214 -14.54 3.56 5.85
N GLY A 215 -13.27 3.93 5.74
CA GLY A 215 -12.39 3.08 4.91
C GLY A 215 -10.95 3.26 5.36
N ILE A 216 -10.06 2.40 4.87
CA ILE A 216 -8.65 2.56 5.25
C ILE A 216 -7.82 2.79 3.97
N LEU A 217 -6.83 3.66 4.05
CA LEU A 217 -5.98 3.89 2.86
C LEU A 217 -4.96 2.77 2.83
N ASP A 218 -5.06 1.87 1.86
CA ASP A 218 -4.13 0.74 1.84
C ASP A 218 -3.38 0.57 0.54
N THR A 219 -2.12 0.98 0.51
CA THR A 219 -1.30 0.83 -0.71
C THR A 219 -1.05 -0.62 -1.04
N GLY A 220 -1.20 -1.48 -0.06
CA GLY A 220 -0.98 -2.92 -0.19
C GLY A 220 -2.19 -3.69 -0.70
N THR A 221 -3.26 -3.06 -1.11
CA THR A 221 -4.44 -3.75 -1.64
C THR A 221 -4.65 -3.21 -3.07
N THR A 222 -4.80 -4.15 -3.97
CA THR A 222 -4.99 -3.74 -5.37
C THR A 222 -6.26 -2.99 -5.69
N LEU A 223 -7.39 -3.52 -5.29
CA LEU A 223 -8.69 -2.95 -5.60
C LEU A 223 -9.28 -2.02 -4.54
N LEU A 224 -10.39 -1.45 -4.95
CA LEU A 224 -11.21 -0.62 -4.10
C LEU A 224 -12.19 -1.69 -3.54
N ILE A 225 -12.06 -2.16 -2.31
CA ILE A 225 -12.97 -3.19 -1.77
C ILE A 225 -14.04 -2.54 -0.89
N LEU A 226 -15.30 -2.70 -1.26
CA LEU A 226 -16.39 -2.08 -0.52
C LEU A 226 -17.29 -3.05 0.23
N PRO A 227 -17.93 -2.59 1.29
CA PRO A 227 -18.90 -3.42 2.03
C PRO A 227 -19.96 -3.87 1.03
N ASN A 228 -20.54 -5.04 1.19
CA ASN A 228 -21.54 -5.63 0.30
C ASN A 228 -22.59 -4.70 -0.29
N ASN A 229 -23.36 -4.04 0.55
CA ASN A 229 -24.43 -3.16 0.03
C ASN A 229 -23.88 -2.05 -0.87
N ILE A 230 -22.79 -1.44 -0.40
CA ILE A 230 -22.20 -0.34 -1.19
C ILE A 230 -21.67 -0.87 -2.53
N ALA A 231 -21.00 -2.01 -2.50
CA ALA A 231 -20.44 -2.57 -3.73
C ALA A 231 -21.58 -2.88 -4.70
N ALA A 232 -22.66 -3.45 -4.22
CA ALA A 232 -23.80 -3.77 -5.11
C ALA A 232 -24.41 -2.53 -5.75
N SER A 233 -24.47 -1.46 -4.97
CA SER A 233 -25.04 -0.17 -5.42
C SER A 233 -24.20 0.43 -6.55
N VAL A 234 -22.87 0.34 -6.39
CA VAL A 234 -21.89 0.82 -7.37
C VAL A 234 -22.00 -0.05 -8.63
N ALA A 235 -22.01 -1.36 -8.45
CA ALA A 235 -22.11 -2.31 -9.57
C ALA A 235 -23.37 -2.03 -10.39
N ARG A 236 -24.48 -1.74 -9.75
CA ARG A 236 -25.72 -1.45 -10.46
C ARG A 236 -25.58 -0.20 -11.34
N ALA A 237 -24.80 0.75 -10.87
CA ALA A 237 -24.60 1.99 -11.63
C ALA A 237 -23.85 1.74 -12.94
N TYR A 238 -22.98 0.74 -13.01
CA TYR A 238 -22.19 0.44 -14.20
C TYR A 238 -22.62 -0.81 -14.94
N GLY A 239 -23.66 -1.47 -14.49
CA GLY A 239 -24.09 -2.71 -15.16
C GLY A 239 -23.07 -3.83 -14.94
N ALA A 240 -22.30 -3.84 -13.87
CA ALA A 240 -21.30 -4.89 -13.61
C ALA A 240 -21.99 -6.14 -13.05
N SER A 241 -21.44 -7.31 -13.30
CA SER A 241 -22.08 -8.57 -12.82
C SER A 241 -21.13 -9.24 -11.83
N ASP A 242 -21.75 -9.72 -10.76
CA ASP A 242 -21.04 -10.37 -9.65
C ASP A 242 -20.49 -11.71 -10.06
N ASN A 243 -19.21 -11.94 -9.90
CA ASN A 243 -18.56 -13.20 -10.26
C ASN A 243 -18.66 -14.22 -9.12
N GLY A 244 -19.27 -13.78 -8.03
CA GLY A 244 -19.45 -14.59 -6.84
C GLY A 244 -18.19 -14.83 -6.07
N ASP A 245 -17.09 -14.17 -6.38
CA ASP A 245 -15.82 -14.37 -5.65
C ASP A 245 -15.29 -13.05 -5.08
N GLY A 246 -16.14 -12.04 -4.92
CA GLY A 246 -15.58 -10.77 -4.39
C GLY A 246 -15.24 -9.83 -5.54
N THR A 247 -15.39 -10.31 -6.77
CA THR A 247 -15.10 -9.51 -7.96
C THR A 247 -16.32 -9.43 -8.86
N TYR A 248 -16.24 -8.45 -9.78
CA TYR A 248 -17.27 -8.17 -10.76
C TYR A 248 -16.68 -8.17 -12.19
N THR A 249 -17.60 -8.47 -13.09
CA THR A 249 -17.28 -8.48 -14.53
C THR A 249 -17.92 -7.18 -15.02
N ILE A 250 -17.11 -6.39 -15.70
CA ILE A 250 -17.56 -5.11 -16.23
C ILE A 250 -17.19 -5.04 -17.71
N SER A 251 -17.89 -4.13 -18.37
CA SER A 251 -17.64 -3.91 -19.82
C SER A 251 -16.19 -3.44 -19.97
N CYS A 252 -15.47 -3.97 -20.94
CA CYS A 252 -14.07 -3.58 -21.16
C CYS A 252 -14.02 -2.17 -21.75
N ASP A 253 -15.14 -1.70 -22.26
CA ASP A 253 -15.21 -0.36 -22.86
C ASP A 253 -15.76 0.68 -21.86
N THR A 254 -14.82 1.42 -21.30
CA THR A 254 -15.09 2.44 -20.29
C THR A 254 -15.36 3.83 -20.80
N SER A 255 -15.31 3.99 -22.11
CA SER A 255 -15.54 5.30 -22.75
C SER A 255 -16.90 5.88 -22.42
N ALA A 256 -17.84 5.02 -22.10
CA ALA A 256 -19.21 5.44 -21.75
C ALA A 256 -19.42 5.63 -20.25
N PHE A 257 -18.46 5.22 -19.43
CA PHE A 257 -18.66 5.33 -17.96
C PHE A 257 -18.31 6.70 -17.39
N LYS A 258 -19.07 7.01 -16.35
CA LYS A 258 -18.83 8.27 -15.61
C LYS A 258 -17.91 7.86 -14.46
N PRO A 259 -17.08 8.78 -14.00
CA PRO A 259 -16.17 8.46 -12.90
C PRO A 259 -16.93 8.20 -11.60
N LEU A 260 -16.31 7.44 -10.71
CA LEU A 260 -16.87 7.11 -9.38
C LEU A 260 -16.26 8.23 -8.52
N VAL A 261 -17.06 9.11 -8.01
CA VAL A 261 -16.57 10.25 -7.23
C VAL A 261 -16.87 10.12 -5.73
N PHE A 262 -15.83 10.33 -4.95
CA PHE A 262 -15.94 10.29 -3.48
C PHE A 262 -15.89 11.74 -2.98
N SER A 263 -16.75 12.09 -2.06
CA SER A 263 -16.77 13.42 -1.45
C SER A 263 -16.05 13.19 -0.12
N ILE A 264 -14.87 13.80 0.04
CA ILE A 264 -14.10 13.57 1.29
C ILE A 264 -13.80 14.94 1.86
N ASN A 265 -14.29 15.11 3.06
CA ASN A 265 -14.07 16.39 3.77
C ASN A 265 -14.34 17.58 2.87
N GLY A 266 -15.42 17.56 2.12
CA GLY A 266 -15.83 18.65 1.23
C GLY A 266 -15.20 18.81 -0.13
N ALA A 267 -14.36 17.89 -0.56
CA ALA A 267 -13.73 17.99 -1.89
C ALA A 267 -14.03 16.68 -2.61
N SER A 268 -13.93 16.68 -3.90
CA SER A 268 -14.16 15.54 -4.78
C SER A 268 -12.86 14.87 -5.20
N PHE A 269 -12.90 13.55 -5.15
CA PHE A 269 -11.76 12.69 -5.50
C PHE A 269 -12.41 11.57 -6.33
N GLN A 270 -11.74 11.23 -7.41
CA GLN A 270 -12.41 10.17 -8.18
C GLN A 270 -11.52 9.04 -8.60
N VAL A 271 -12.23 8.04 -9.07
CA VAL A 271 -11.70 6.82 -9.67
C VAL A 271 -12.10 7.10 -11.14
N SER A 272 -11.13 7.38 -11.98
CA SER A 272 -11.39 7.71 -13.39
C SER A 272 -11.95 6.50 -14.14
N PRO A 273 -12.65 6.75 -15.24
CA PRO A 273 -13.24 5.66 -16.04
C PRO A 273 -12.27 4.54 -16.37
N ASP A 274 -11.06 4.86 -16.81
CA ASP A 274 -10.06 3.85 -17.13
C ASP A 274 -9.74 2.97 -15.91
N SER A 275 -9.83 3.51 -14.71
CA SER A 275 -9.50 2.72 -13.50
C SER A 275 -10.60 1.78 -13.05
N LEU A 276 -11.77 1.85 -13.66
CA LEU A 276 -12.91 0.99 -13.34
C LEU A 276 -12.65 -0.43 -13.84
N VAL A 277 -11.70 -0.56 -14.76
CA VAL A 277 -11.27 -1.84 -15.30
C VAL A 277 -9.89 -2.13 -14.70
N PHE A 278 -9.81 -3.24 -14.00
CA PHE A 278 -8.55 -3.66 -13.38
C PHE A 278 -7.70 -4.46 -14.38
N GLU A 279 -8.29 -5.53 -14.86
CA GLU A 279 -7.59 -6.43 -15.79
C GLU A 279 -8.49 -7.00 -16.86
N GLU A 280 -7.87 -7.28 -17.98
CA GLU A 280 -8.59 -7.85 -19.14
C GLU A 280 -7.96 -9.21 -19.38
N PHE A 281 -8.78 -10.23 -19.37
CA PHE A 281 -8.31 -11.60 -19.60
C PHE A 281 -9.24 -12.29 -20.61
N GLN A 282 -8.64 -12.55 -21.75
CA GLN A 282 -9.31 -13.22 -22.88
C GLN A 282 -10.66 -12.56 -23.16
N GLY A 283 -10.60 -11.25 -23.30
CA GLY A 283 -11.72 -10.39 -23.58
C GLY A 283 -12.76 -10.18 -22.51
N GLN A 284 -12.52 -10.58 -21.29
CA GLN A 284 -13.47 -10.39 -20.16
C GLN A 284 -12.75 -9.40 -19.21
N CYS A 285 -13.43 -8.35 -18.78
CA CYS A 285 -12.76 -7.40 -17.88
C CYS A 285 -13.25 -7.50 -16.43
N ILE A 286 -12.28 -7.46 -15.53
CA ILE A 286 -12.53 -7.52 -14.08
C ILE A 286 -12.61 -6.06 -13.58
N ALA A 287 -13.62 -5.70 -12.81
CA ALA A 287 -13.73 -4.31 -12.34
C ALA A 287 -12.67 -3.99 -11.29
N GLY A 288 -12.45 -2.69 -11.18
CA GLY A 288 -11.47 -2.10 -10.25
C GLY A 288 -12.01 -2.04 -8.82
N PHE A 289 -13.28 -2.35 -8.64
CA PHE A 289 -13.93 -2.37 -7.31
C PHE A 289 -14.41 -3.80 -7.06
N GLY A 290 -14.43 -4.20 -5.81
CA GLY A 290 -14.84 -5.54 -5.37
C GLY A 290 -15.59 -5.41 -4.04
N TYR A 291 -15.94 -6.55 -3.47
CA TYR A 291 -16.68 -6.53 -2.19
C TYR A 291 -16.00 -7.51 -1.23
N GLY A 292 -16.23 -7.24 0.02
CA GLY A 292 -15.67 -8.07 1.10
C GLY A 292 -16.75 -8.05 2.20
N ASN A 293 -16.59 -8.94 3.16
CA ASN A 293 -17.64 -8.89 4.22
C ASN A 293 -17.21 -8.03 5.41
N TRP A 294 -16.74 -6.81 5.19
CA TRP A 294 -16.36 -5.94 6.30
C TRP A 294 -17.32 -4.74 6.24
N GLY A 295 -17.41 -4.08 7.37
CA GLY A 295 -18.28 -2.90 7.50
C GLY A 295 -17.53 -1.66 7.01
N PHE A 296 -16.25 -1.77 6.72
CA PHE A 296 -15.49 -0.59 6.24
C PHE A 296 -14.89 -0.93 4.87
N ALA A 297 -14.54 0.07 4.09
CA ALA A 297 -13.93 -0.15 2.78
C ALA A 297 -12.41 -0.22 2.84
N ILE A 298 -11.82 -0.94 1.91
CA ILE A 298 -10.35 -1.02 1.82
C ILE A 298 -10.03 -0.15 0.59
N ILE A 299 -9.54 1.05 0.85
CA ILE A 299 -9.27 1.99 -0.26
C ILE A 299 -7.87 1.74 -0.80
N GLY A 300 -7.83 0.81 -1.76
CA GLY A 300 -6.61 0.35 -2.40
C GLY A 300 -6.10 1.12 -3.61
N ASP A 301 -5.17 0.47 -4.30
CA ASP A 301 -4.51 1.07 -5.50
C ASP A 301 -5.46 1.64 -6.55
N THR A 302 -6.63 1.08 -6.80
CA THR A 302 -7.56 1.63 -7.77
C THR A 302 -7.80 3.10 -7.48
N PHE A 303 -7.95 3.39 -6.19
CA PHE A 303 -8.17 4.77 -5.77
C PHE A 303 -6.83 5.52 -5.67
N LEU A 304 -5.83 4.92 -5.02
CA LEU A 304 -4.58 5.68 -4.85
C LEU A 304 -3.86 6.05 -6.12
N LYS A 305 -3.98 5.28 -7.18
CA LYS A 305 -3.27 5.66 -8.45
C LYS A 305 -3.93 6.85 -9.10
N ASN A 306 -5.06 7.34 -8.58
CA ASN A 306 -5.74 8.51 -9.12
C ASN A 306 -5.60 9.72 -8.19
N ASN A 307 -5.07 9.53 -7.01
CA ASN A 307 -4.97 10.61 -6.00
C ASN A 307 -3.66 10.59 -5.20
N TYR A 308 -2.98 11.72 -5.20
CA TYR A 308 -1.71 11.83 -4.44
C TYR A 308 -2.05 11.94 -2.95
N VAL A 309 -1.29 11.27 -2.10
CA VAL A 309 -1.60 11.37 -0.67
C VAL A 309 -0.34 11.69 0.15
N VAL A 310 -0.45 12.62 1.08
CA VAL A 310 0.65 12.93 2.00
C VAL A 310 0.19 12.29 3.32
N PHE A 311 0.90 11.33 3.83
CA PHE A 311 0.55 10.63 5.09
C PHE A 311 1.23 11.33 6.25
N ASN A 312 0.53 11.74 7.27
CA ASN A 312 1.22 12.42 8.40
C ASN A 312 0.97 11.53 9.63
N GLN A 313 1.99 10.87 10.10
CA GLN A 313 1.92 9.97 11.24
C GLN A 313 1.79 10.72 12.55
N GLY A 314 2.30 11.93 12.56
CA GLY A 314 2.28 12.75 13.76
C GLY A 314 0.94 13.26 14.24
N VAL A 315 0.06 13.74 13.39
CA VAL A 315 -1.22 14.30 13.84
C VAL A 315 -2.17 13.29 14.45
N PRO A 316 -2.60 12.24 13.80
CA PRO A 316 -2.29 11.87 12.41
C PRO A 316 -3.32 12.45 11.45
N GLU A 317 -2.95 12.60 10.18
CA GLU A 317 -3.89 13.12 9.18
C GLU A 317 -3.32 12.80 7.80
N VAL A 318 -4.08 13.08 6.77
CA VAL A 318 -3.57 12.89 5.41
C VAL A 318 -3.93 14.16 4.64
N GLN A 319 -3.23 14.41 3.57
CA GLN A 319 -3.52 15.54 2.66
C GLN A 319 -3.70 14.85 1.28
N ILE A 320 -4.77 15.12 0.58
CA ILE A 320 -5.02 14.46 -0.69
C ILE A 320 -5.30 15.46 -1.80
N ALA A 321 -4.93 15.08 -3.01
CA ALA A 321 -5.22 15.93 -4.18
C ALA A 321 -5.22 14.99 -5.39
N PRO A 322 -5.99 15.36 -6.39
CA PRO A 322 -6.06 14.58 -7.64
C PRO A 322 -4.69 14.51 -8.31
N VAL A 323 -4.33 13.39 -8.92
CA VAL A 323 -3.04 13.26 -9.59
C VAL A 323 -3.01 14.20 -10.82
N ALA A 324 -1.81 14.68 -11.07
CA ALA A 324 -1.55 15.57 -12.20
C ALA A 324 -1.43 14.58 -13.37
N GLU A 325 -2.28 14.74 -14.33
CA GLU A 325 -2.18 13.78 -15.48
C GLU A 325 -2.98 14.45 -16.59
#